data_9N4K
#
_entry.id   9N4K
#
_cell.length_a   1.00
_cell.length_b   1.00
_cell.length_c   1.00
_cell.angle_alpha   90.00
_cell.angle_beta   90.00
_cell.angle_gamma   90.00
#
_symmetry.space_group_name_H-M   'P 1'
#
loop_
_entity.id
_entity.type
_entity.pdbx_description
1 polymer 'Activin receptor type-2B'
2 polymer 'Bone morphogenetic protein 6'
3 polymer 'Activin receptor type-1'
4 branched beta-D-mannopyranose-(1-4)-2-acetamido-2-deoxy-beta-D-glucopyranose-(1-4)-2-acetamido-2-deoxy-beta-D-glucopyranose
5 non-polymer 2-acetamido-2-deoxy-beta-D-glucopyranose
6 non-polymer beta-D-mannopyranose
#
loop_
_entity_poly.entity_id
_entity_poly.type
_entity_poly.pdbx_seq_one_letter_code
_entity_poly.pdbx_strand_id
1 'polypeptide(L)'
;SGRGEAETRECIYYNANWELERTNQSGLERCEGEQDKRLHCYASWRNSSGTIELVKKGCWLDDFNCYDRQECVATEENPQ
VYFCCCEGNFCNERFTHLPEAGGPEVTYEPPPTAPTGGGTHTCPPCPAPELLG
;
A,F
2 'polypeptide(L)'
;SASSRRRQQSRNRSTQSQDVARVSSASDYNSSELKTACRKHELYVSFQDLGWQDWIIAPKGYAANYCDGECSFPLNAHMN
ATNHAIVQTLVHLMNPEYVPKPCCAPTKLNAISVLYFDDNSNVILKKYRNMVVRACGCH
;
B,E
3 'polypeptide(L)'
;MEDEKPKVNPKLYMCVCEGLSCGNEDHCEGQQCFSSLSINDGFHVYQKGCFQVYEQGKMTCKTPPSPGQAVECCQGDWCN
RNITAQLPTKGKSFPGTQNFHLETGGGTHTCPPCPAPELLG
;
C,D
#
loop_
_chem_comp.id
_chem_comp.type
_chem_comp.name
_chem_comp.formula
BMA D-saccharide, beta linking beta-D-mannopyranose 'C6 H12 O6'
NAG D-saccharide, beta linking 2-acetamido-2-deoxy-beta-D-glucopyranose 'C8 H15 N O6'
#
# COMPACT_ATOMS: atom_id res chain seq x y z
N THR A 8 -12.60 -16.98 -21.27
CA THR A 8 -13.88 -16.89 -20.58
C THR A 8 -14.42 -18.28 -20.23
N ARG A 9 -15.31 -18.34 -19.25
CA ARG A 9 -15.88 -19.60 -18.81
C ARG A 9 -17.31 -19.33 -18.32
N GLU A 10 -18.01 -20.40 -17.97
CA GLU A 10 -19.42 -20.33 -17.61
C GLU A 10 -19.80 -21.58 -16.83
N CYS A 11 -20.54 -21.41 -15.75
CA CYS A 11 -20.94 -22.54 -14.92
C CYS A 11 -22.42 -22.42 -14.58
N ILE A 12 -23.02 -23.55 -14.19
CA ILE A 12 -24.44 -23.56 -13.88
C ILE A 12 -24.64 -23.04 -12.47
N TYR A 13 -25.44 -21.98 -12.34
CA TYR A 13 -25.63 -21.30 -11.06
C TYR A 13 -27.01 -21.66 -10.52
N TYR A 14 -27.03 -22.52 -9.51
CA TYR A 14 -28.24 -22.84 -8.76
C TYR A 14 -27.99 -22.47 -7.30
N ASN A 15 -28.82 -21.60 -6.75
CA ASN A 15 -28.66 -21.14 -5.38
C ASN A 15 -29.89 -21.53 -4.57
N ALA A 16 -29.65 -22.22 -3.46
CA ALA A 16 -30.73 -22.73 -2.61
C ALA A 16 -31.45 -21.62 -1.86
N ASN A 17 -30.81 -20.46 -1.67
CA ASN A 17 -31.36 -19.36 -0.90
C ASN A 17 -32.05 -18.33 -1.78
N TRP A 18 -32.56 -18.76 -2.94
CA TRP A 18 -33.12 -17.84 -3.92
C TRP A 18 -34.22 -16.97 -3.32
N GLU A 19 -34.93 -17.48 -2.32
CA GLU A 19 -36.06 -16.77 -1.76
C GLU A 19 -35.60 -15.59 -0.91
N LEU A 20 -34.80 -15.87 0.14
CA LEU A 20 -34.47 -14.84 1.12
C LEU A 20 -33.61 -13.75 0.50
N GLU A 21 -32.65 -14.11 -0.34
CA GLU A 21 -31.83 -13.13 -1.03
C GLU A 21 -32.45 -12.64 -2.34
N ARG A 22 -33.71 -13.02 -2.60
CA ARG A 22 -34.43 -12.62 -3.83
C ARG A 22 -33.57 -12.78 -5.09
N THR A 23 -32.75 -13.82 -5.12
CA THR A 23 -31.84 -14.07 -6.22
C THR A 23 -32.39 -15.16 -7.14
N ASN A 24 -31.73 -15.33 -8.28
CA ASN A 24 -32.12 -16.35 -9.25
C ASN A 24 -31.99 -17.74 -8.65
N GLN A 25 -32.99 -18.60 -8.92
CA GLN A 25 -32.93 -19.98 -8.48
C GLN A 25 -32.17 -20.86 -9.45
N SER A 26 -32.51 -20.78 -10.74
CA SER A 26 -31.92 -21.63 -11.76
C SER A 26 -31.25 -20.77 -12.83
N GLY A 27 -30.39 -21.42 -13.63
CA GLY A 27 -29.76 -20.74 -14.75
C GLY A 27 -28.30 -21.09 -14.93
N LEU A 28 -27.68 -20.55 -15.98
CA LEU A 28 -26.25 -20.68 -16.21
C LEU A 28 -25.64 -19.30 -16.22
N GLU A 29 -24.61 -19.10 -15.39
CA GLU A 29 -24.00 -17.80 -15.16
C GLU A 29 -22.57 -17.77 -15.66
N ARG A 30 -22.22 -16.70 -16.36
CA ARG A 30 -20.86 -16.49 -16.81
C ARG A 30 -19.95 -16.22 -15.63
N CYS A 31 -18.73 -16.73 -15.70
CA CYS A 31 -17.74 -16.48 -14.65
C CYS A 31 -16.97 -15.20 -14.96
N GLU A 32 -16.42 -14.61 -13.90
CA GLU A 32 -15.64 -13.38 -14.02
C GLU A 32 -14.38 -13.49 -13.19
N GLY A 33 -13.34 -12.81 -13.66
CA GLY A 33 -12.05 -12.83 -12.98
C GLY A 33 -11.10 -11.85 -13.64
N GLU A 34 -9.97 -11.64 -12.97
CA GLU A 34 -8.96 -10.70 -13.44
C GLU A 34 -8.06 -11.37 -14.48
N GLN A 35 -7.18 -10.56 -15.06
CA GLN A 35 -6.24 -11.06 -16.07
C GLN A 35 -5.26 -12.02 -15.43
N ASP A 36 -4.93 -13.09 -16.16
CA ASP A 36 -4.02 -14.14 -15.69
C ASP A 36 -4.54 -14.74 -14.39
N LYS A 37 -5.82 -15.10 -14.39
CA LYS A 37 -6.48 -15.69 -13.23
C LYS A 37 -7.46 -16.75 -13.71
N ARG A 38 -7.16 -18.01 -13.45
CA ARG A 38 -8.03 -19.09 -13.89
C ARG A 38 -9.33 -19.07 -13.10
N LEU A 39 -10.43 -19.39 -13.78
CA LEU A 39 -11.73 -19.51 -13.15
C LEU A 39 -12.18 -20.96 -13.16
N HIS A 40 -13.00 -21.33 -12.18
CA HIS A 40 -13.44 -22.71 -12.03
C HIS A 40 -14.93 -22.74 -11.72
N CYS A 41 -15.49 -23.95 -11.70
CA CYS A 41 -16.86 -24.18 -11.28
C CYS A 41 -16.84 -24.93 -9.95
N TYR A 42 -17.78 -24.61 -9.08
CA TYR A 42 -17.87 -25.25 -7.78
C TYR A 42 -19.28 -25.77 -7.56
N ALA A 43 -19.38 -26.95 -6.95
CA ALA A 43 -20.65 -27.54 -6.57
C ALA A 43 -20.55 -27.95 -5.11
N SER A 44 -21.65 -27.75 -4.37
CA SER A 44 -21.72 -28.07 -2.96
C SER A 44 -23.13 -28.56 -2.66
N TRP A 45 -23.21 -29.74 -2.05
CA TRP A 45 -24.47 -30.43 -1.84
C TRP A 45 -24.40 -31.23 -0.55
N ARG A 46 -25.55 -31.74 -0.12
CA ARG A 46 -25.67 -32.60 1.04
C ARG A 46 -26.15 -33.97 0.62
N ASN A 47 -25.36 -35.00 0.94
CA ASN A 47 -25.74 -36.36 0.57
C ASN A 47 -27.02 -36.78 1.30
N SER A 48 -27.05 -36.60 2.62
CA SER A 48 -28.23 -36.90 3.43
C SER A 48 -28.60 -38.39 3.35
N SER A 49 -27.60 -39.24 3.56
CA SER A 49 -27.79 -40.70 3.60
C SER A 49 -28.59 -41.20 2.39
N GLY A 50 -28.31 -40.60 1.24
CA GLY A 50 -28.90 -41.02 -0.02
C GLY A 50 -29.77 -39.98 -0.70
N THR A 51 -30.53 -39.22 0.09
CA THR A 51 -31.42 -38.19 -0.46
C THR A 51 -30.56 -36.98 -0.81
N ILE A 52 -30.03 -36.97 -2.04
CA ILE A 52 -29.14 -35.90 -2.46
C ILE A 52 -29.91 -34.60 -2.59
N GLU A 53 -29.36 -33.53 -2.01
CA GLU A 53 -29.99 -32.21 -2.04
C GLU A 53 -28.96 -31.19 -2.48
N LEU A 54 -29.11 -30.67 -3.69
CA LEU A 54 -28.20 -29.65 -4.20
C LEU A 54 -28.30 -28.39 -3.34
N VAL A 55 -27.16 -27.75 -3.11
CA VAL A 55 -27.13 -26.55 -2.28
C VAL A 55 -26.66 -25.35 -3.10
N LYS A 56 -25.35 -25.21 -3.29
CA LYS A 56 -24.79 -24.06 -3.99
C LYS A 56 -23.92 -24.51 -5.15
N LYS A 57 -24.16 -23.95 -6.34
CA LYS A 57 -23.35 -24.25 -7.51
C LYS A 57 -23.11 -22.97 -8.30
N GLY A 58 -21.87 -22.77 -8.75
CA GLY A 58 -21.56 -21.54 -9.47
C GLY A 58 -20.08 -21.38 -9.76
N CYS A 59 -19.65 -20.13 -9.81
CA CYS A 59 -18.28 -19.77 -10.18
C CYS A 59 -17.37 -19.73 -8.96
N TRP A 60 -16.11 -20.10 -9.17
CA TRP A 60 -15.10 -20.16 -8.13
C TRP A 60 -13.83 -19.52 -8.65
N LEU A 61 -13.16 -18.77 -7.79
CA LEU A 61 -11.95 -18.05 -8.17
C LEU A 61 -10.77 -18.99 -8.27
N ASP A 62 -9.57 -18.43 -8.42
CA ASP A 62 -8.37 -19.24 -8.58
C ASP A 62 -8.08 -20.01 -7.31
N ASP A 63 -7.87 -21.32 -7.44
CA ASP A 63 -7.58 -22.17 -6.30
C ASP A 63 -6.52 -23.19 -6.68
N PHE A 64 -5.51 -23.35 -5.81
CA PHE A 64 -4.41 -24.26 -6.11
C PHE A 64 -4.86 -25.72 -6.08
N ASN A 65 -5.57 -26.12 -5.02
CA ASN A 65 -6.00 -27.51 -4.89
C ASN A 65 -7.05 -27.89 -5.93
N CYS A 66 -7.72 -26.91 -6.54
CA CYS A 66 -8.66 -27.15 -7.62
C CYS A 66 -7.97 -26.79 -8.93
N TYR A 67 -7.21 -27.75 -9.45
CA TYR A 67 -6.38 -27.51 -10.62
C TYR A 67 -6.48 -28.70 -11.57
N ASP A 68 -6.83 -28.41 -12.84
CA ASP A 68 -6.90 -29.41 -13.89
C ASP A 68 -7.86 -30.55 -13.55
N ARG A 69 -8.96 -30.21 -12.88
CA ARG A 69 -9.98 -31.19 -12.50
C ARG A 69 -11.00 -31.28 -13.62
N GLN A 70 -10.74 -32.16 -14.59
CA GLN A 70 -11.65 -32.30 -15.72
C GLN A 70 -13.04 -32.75 -15.27
N GLU A 71 -13.13 -33.44 -14.14
CA GLU A 71 -14.39 -33.80 -13.52
C GLU A 71 -14.51 -33.09 -12.18
N CYS A 72 -15.62 -33.31 -11.48
CA CYS A 72 -15.87 -32.70 -10.19
C CYS A 72 -16.00 -33.82 -9.17
N VAL A 73 -14.98 -34.00 -8.34
CA VAL A 73 -14.95 -35.05 -7.33
C VAL A 73 -14.74 -34.42 -5.95
N ALA A 74 -15.57 -34.81 -4.99
CA ALA A 74 -15.46 -34.34 -3.61
C ALA A 74 -14.60 -35.33 -2.84
N THR A 75 -13.30 -35.01 -2.69
CA THR A 75 -12.37 -35.93 -2.06
C THR A 75 -12.48 -35.94 -0.53
N GLU A 76 -13.15 -34.95 0.06
CA GLU A 76 -13.27 -34.89 1.52
C GLU A 76 -14.12 -36.05 2.03
N GLU A 77 -13.65 -36.70 3.08
CA GLU A 77 -14.31 -37.88 3.63
C GLU A 77 -15.23 -37.47 4.77
N ASN A 78 -16.47 -37.96 4.71
CA ASN A 78 -17.49 -37.69 5.72
C ASN A 78 -17.61 -36.20 6.07
N PRO A 79 -17.93 -35.35 5.09
CA PRO A 79 -18.14 -33.92 5.40
C PRO A 79 -19.60 -33.60 5.66
N GLN A 80 -19.81 -32.53 6.42
CA GLN A 80 -21.18 -32.06 6.65
C GLN A 80 -21.80 -31.55 5.35
N VAL A 81 -21.03 -30.86 4.53
CA VAL A 81 -21.46 -30.39 3.21
C VAL A 81 -20.39 -30.82 2.20
N TYR A 82 -20.75 -31.72 1.30
CA TYR A 82 -19.84 -32.14 0.25
C TYR A 82 -19.59 -31.00 -0.73
N PHE A 83 -18.34 -30.87 -1.16
CA PHE A 83 -17.92 -29.76 -2.03
C PHE A 83 -16.89 -30.28 -3.03
N CYS A 84 -17.16 -30.07 -4.31
CA CYS A 84 -16.22 -30.44 -5.36
C CYS A 84 -16.02 -29.26 -6.31
N CYS A 85 -14.76 -28.96 -6.60
CA CYS A 85 -14.39 -27.90 -7.53
C CYS A 85 -13.80 -28.53 -8.79
N CYS A 86 -14.16 -27.98 -9.94
CA CYS A 86 -13.71 -28.51 -11.22
C CYS A 86 -13.25 -27.37 -12.13
N GLU A 87 -12.39 -27.71 -13.08
CA GLU A 87 -11.92 -26.78 -14.09
C GLU A 87 -12.43 -27.27 -15.44
N GLY A 88 -13.37 -26.53 -16.02
CA GLY A 88 -13.95 -26.92 -17.30
C GLY A 88 -15.22 -26.15 -17.57
N ASN A 89 -15.65 -26.24 -18.82
CA ASN A 89 -16.88 -25.59 -19.26
C ASN A 89 -18.07 -26.46 -18.84
N PHE A 90 -18.90 -25.94 -17.93
CA PHE A 90 -20.09 -26.64 -17.46
C PHE A 90 -19.73 -28.01 -16.86
N CYS A 91 -18.71 -28.00 -16.01
CA CYS A 91 -18.24 -29.22 -15.36
C CYS A 91 -18.93 -29.50 -14.03
N ASN A 92 -19.86 -28.64 -13.61
CA ASN A 92 -20.54 -28.79 -12.33
C ASN A 92 -21.93 -29.42 -12.47
N GLU A 93 -22.15 -30.17 -13.55
CA GLU A 93 -23.41 -30.88 -13.74
C GLU A 93 -23.34 -32.33 -13.29
N ARG A 94 -22.14 -32.89 -13.14
CA ARG A 94 -21.95 -34.25 -12.63
C ARG A 94 -20.95 -34.19 -11.50
N PHE A 95 -21.26 -34.89 -10.41
CA PHE A 95 -20.39 -34.89 -9.23
C PHE A 95 -20.50 -36.24 -8.53
N THR A 96 -19.37 -36.70 -8.01
CA THR A 96 -19.30 -37.94 -7.26
C THR A 96 -18.48 -37.72 -6.00
N HIS A 97 -18.71 -38.56 -4.99
CA HIS A 97 -17.98 -38.53 -3.73
C HIS A 97 -17.01 -39.71 -3.73
N LEU A 98 -15.78 -39.45 -4.16
CA LEU A 98 -14.73 -40.46 -4.14
C LEU A 98 -13.72 -40.11 -3.05
N PRO A 99 -13.74 -40.81 -1.91
CA PRO A 99 -12.81 -40.48 -0.83
C PRO A 99 -11.36 -40.69 -1.26
N GLU A 100 -10.50 -39.77 -0.85
CA GLU A 100 -9.08 -39.81 -1.20
C GLU A 100 -8.35 -40.70 -0.20
N THR B 36 4.94 1.34 19.53
CA THR B 36 4.45 -0.03 19.47
C THR B 36 3.06 -0.10 18.85
N ALA B 37 2.77 0.84 17.96
CA ALA B 37 1.49 0.87 17.26
C ALA B 37 1.67 1.64 15.96
N CYS B 38 0.97 1.19 14.92
CA CYS B 38 1.02 1.86 13.62
C CYS B 38 0.52 3.29 13.78
N ARG B 39 1.41 4.28 13.66
CA ARG B 39 1.04 5.67 13.84
C ARG B 39 1.62 6.49 12.70
N LYS B 40 1.30 7.79 12.70
CA LYS B 40 1.78 8.72 11.68
C LYS B 40 2.63 9.73 12.45
N HIS B 41 3.91 9.41 12.64
CA HIS B 41 4.82 10.33 13.28
C HIS B 41 5.13 11.49 12.34
N GLU B 42 5.00 12.73 12.83
CA GLU B 42 5.23 13.88 11.98
C GLU B 42 6.68 14.34 12.06
N LEU B 43 7.22 14.75 10.91
CA LEU B 43 8.59 15.26 10.85
C LEU B 43 8.70 16.20 9.66
N TYR B 44 9.72 17.05 9.70
CA TYR B 44 9.98 18.05 8.66
C TYR B 44 11.33 17.72 8.02
N VAL B 45 11.30 17.33 6.75
CA VAL B 45 12.52 17.02 6.02
C VAL B 45 12.90 18.20 5.13
N SER B 46 14.16 18.64 5.25
CA SER B 46 14.67 19.77 4.48
C SER B 46 15.57 19.27 3.37
N PHE B 47 15.47 19.93 2.21
CA PHE B 47 16.23 19.60 1.02
C PHE B 47 17.66 20.10 1.07
N GLN B 48 18.02 20.87 2.11
CA GLN B 48 19.39 21.33 2.27
C GLN B 48 20.25 20.18 2.78
N ASP B 49 19.65 19.32 3.60
CA ASP B 49 20.32 18.15 4.17
C ASP B 49 20.42 16.99 3.20
N LEU B 50 19.44 16.84 2.29
CA LEU B 50 19.48 15.75 1.33
C LEU B 50 20.43 16.01 0.17
N GLY B 51 21.00 17.20 0.10
CA GLY B 51 21.87 17.63 -0.97
C GLY B 51 21.20 18.27 -2.16
N TRP B 52 19.87 18.29 -2.20
CA TRP B 52 19.11 18.93 -3.28
C TRP B 52 19.01 20.43 -2.97
N GLN B 53 20.15 21.10 -3.07
CA GLN B 53 20.29 22.50 -2.73
C GLN B 53 20.52 23.40 -3.93
N ASP B 54 21.19 22.91 -4.97
CA ASP B 54 21.54 23.73 -6.12
C ASP B 54 20.79 23.33 -7.40
N TRP B 55 19.72 22.55 -7.26
CA TRP B 55 18.85 22.24 -8.39
C TRP B 55 17.37 22.27 -8.02
N ILE B 56 17.00 22.66 -6.80
CA ILE B 56 15.61 22.80 -6.40
C ILE B 56 15.45 24.22 -5.88
N ILE B 57 14.52 24.98 -6.47
CA ILE B 57 14.32 26.36 -6.04
C ILE B 57 13.31 26.44 -4.90
N ALA B 58 12.22 25.67 -4.99
CA ALA B 58 11.21 25.69 -3.94
C ALA B 58 10.45 24.38 -4.01
N PRO B 59 10.04 23.80 -2.88
CA PRO B 59 10.20 24.23 -1.48
C PRO B 59 11.55 23.88 -0.89
N LYS B 60 12.02 24.63 0.11
CA LYS B 60 13.26 24.27 0.79
C LYS B 60 13.10 23.06 1.69
N GLY B 61 11.87 22.63 1.94
CA GLY B 61 11.62 21.47 2.77
C GLY B 61 10.14 21.28 2.93
N TYR B 62 9.76 20.05 3.26
CA TYR B 62 8.34 19.75 3.41
C TYR B 62 8.18 18.77 4.57
N ALA B 63 6.98 18.20 4.72
CA ALA B 63 6.70 17.31 5.85
C ALA B 63 6.37 15.94 5.28
N ALA B 64 7.23 14.95 5.57
CA ALA B 64 7.03 13.61 5.03
C ALA B 64 6.07 12.78 5.88
N ASN B 65 6.13 12.94 7.21
CA ASN B 65 5.24 12.24 8.13
C ASN B 65 5.36 10.72 7.97
N TYR B 66 6.54 10.21 8.31
CA TYR B 66 6.80 8.78 8.18
C TYR B 66 5.90 7.99 9.15
N CYS B 67 5.88 6.67 8.92
CA CYS B 67 5.03 5.75 9.68
C CYS B 67 5.91 4.78 10.44
N ASP B 68 5.45 4.39 11.63
CA ASP B 68 6.19 3.43 12.45
C ASP B 68 5.23 2.75 13.40
N GLY B 69 5.68 1.63 13.96
CA GLY B 69 4.91 0.85 14.90
C GLY B 69 4.99 -0.63 14.61
N GLU B 70 4.08 -1.37 15.23
CA GLU B 70 3.98 -2.81 15.05
C GLU B 70 2.50 -3.17 14.97
N CYS B 71 2.20 -4.27 14.28
CA CYS B 71 0.83 -4.75 14.14
C CYS B 71 0.72 -6.11 14.82
N SER B 72 -0.20 -6.23 15.77
CA SER B 72 -0.45 -7.48 16.48
C SER B 72 -1.91 -7.89 16.36
N PHE B 73 -2.15 -9.20 16.39
CA PHE B 73 -3.50 -9.73 16.30
C PHE B 73 -4.32 -9.38 17.54
N PRO B 74 -5.63 -9.23 17.36
CA PRO B 74 -6.30 -8.77 16.12
C PRO B 74 -6.09 -7.28 15.96
N LEU B 75 -6.54 -6.71 14.84
CA LEU B 75 -6.32 -5.31 14.56
C LEU B 75 -7.66 -4.56 14.56
N ASN B 76 -7.70 -3.47 15.30
CA ASN B 76 -8.91 -2.67 15.37
C ASN B 76 -9.08 -1.85 14.09
N ALA B 77 -10.29 -1.33 13.90
CA ALA B 77 -10.61 -0.53 12.71
C ALA B 77 -9.70 0.68 12.56
N HIS B 78 -9.09 1.14 13.65
CA HIS B 78 -8.15 2.24 13.54
C HIS B 78 -6.94 1.83 12.70
N MET B 79 -6.38 0.65 12.97
CA MET B 79 -5.30 0.18 12.10
C MET B 79 -5.88 -0.28 10.77
N ASN B 80 -5.90 0.60 9.76
CA ASN B 80 -6.51 0.28 8.48
C ASN B 80 -5.70 -0.87 7.87
N ALA B 81 -6.22 -2.09 7.96
CA ALA B 81 -5.47 -3.25 7.50
C ALA B 81 -6.27 -4.07 6.49
N THR B 82 -5.56 -4.76 5.62
CA THR B 82 -6.23 -5.63 4.67
C THR B 82 -6.46 -7.01 5.28
N ASN B 83 -7.26 -7.83 4.56
CA ASN B 83 -7.52 -9.19 5.01
C ASN B 83 -6.23 -10.00 5.09
N HIS B 84 -5.36 -9.83 4.10
CA HIS B 84 -4.08 -10.54 4.13
C HIS B 84 -3.27 -10.17 5.38
N ALA B 85 -3.25 -8.89 5.74
CA ALA B 85 -2.56 -8.47 6.96
C ALA B 85 -3.08 -9.23 8.18
N ILE B 86 -4.40 -9.43 8.24
CA ILE B 86 -4.99 -10.12 9.39
C ILE B 86 -4.63 -11.61 9.39
N VAL B 87 -4.67 -12.24 8.23
CA VAL B 87 -4.28 -13.64 8.09
C VAL B 87 -2.81 -13.80 8.49
N GLN B 88 -1.98 -12.85 8.06
CA GLN B 88 -0.56 -12.91 8.38
C GLN B 88 -0.31 -12.73 9.87
N THR B 89 -0.99 -11.79 10.52
CA THR B 89 -0.74 -11.65 11.95
C THR B 89 -1.24 -12.86 12.71
N LEU B 90 -2.32 -13.50 12.21
CA LEU B 90 -2.82 -14.69 12.88
C LEU B 90 -1.87 -15.86 12.71
N VAL B 91 -1.32 -16.06 11.52
CA VAL B 91 -0.38 -17.15 11.32
C VAL B 91 0.93 -16.88 12.05
N HIS B 92 1.22 -15.61 12.35
CA HIS B 92 2.36 -15.25 13.19
C HIS B 92 2.08 -15.51 14.66
N LEU B 93 0.85 -15.27 15.13
CA LEU B 93 0.50 -15.60 16.50
C LEU B 93 0.52 -17.10 16.72
N MET B 94 0.04 -17.87 15.73
CA MET B 94 0.08 -19.33 15.87
C MET B 94 1.52 -19.86 15.90
N ASN B 95 2.39 -19.34 15.05
CA ASN B 95 3.81 -19.69 14.98
C ASN B 95 4.69 -18.46 14.79
N PRO B 96 5.52 -18.12 15.78
CA PRO B 96 6.26 -16.85 15.69
C PRO B 96 7.36 -16.86 14.65
N GLU B 97 8.04 -17.99 14.42
CA GLU B 97 9.12 -17.99 13.46
C GLU B 97 8.67 -18.26 12.05
N TYR B 98 7.41 -18.65 11.85
CA TYR B 98 6.93 -18.92 10.50
C TYR B 98 6.88 -17.64 9.68
N VAL B 99 6.09 -16.67 10.14
CA VAL B 99 5.87 -15.43 9.41
C VAL B 99 6.08 -14.22 10.32
N PRO B 100 6.76 -13.19 9.83
CA PRO B 100 6.89 -11.92 10.56
C PRO B 100 5.58 -11.15 10.62
N LYS B 101 5.55 -10.19 11.54
CA LYS B 101 4.37 -9.36 11.72
C LYS B 101 4.18 -8.50 10.47
N PRO B 102 2.95 -8.04 10.23
CA PRO B 102 2.71 -7.10 9.13
C PRO B 102 3.48 -5.81 9.35
N CYS B 103 3.60 -5.03 8.28
CA CYS B 103 4.42 -3.83 8.27
C CYS B 103 3.54 -2.59 8.23
N CYS B 104 3.86 -1.62 9.11
CA CYS B 104 3.17 -0.34 9.20
C CYS B 104 3.59 0.52 8.00
N ALA B 105 2.72 0.60 7.00
CA ALA B 105 3.00 1.26 5.75
C ALA B 105 1.98 2.37 5.49
N PRO B 106 2.38 3.41 4.75
CA PRO B 106 1.45 4.49 4.42
C PRO B 106 0.35 3.96 3.51
N THR B 107 -0.84 4.52 3.66
CA THR B 107 -2.00 4.16 2.86
C THR B 107 -2.56 5.33 2.06
N LYS B 108 -2.63 6.51 2.65
CA LYS B 108 -3.12 7.72 1.99
C LYS B 108 -1.95 8.66 1.78
N LEU B 109 -1.70 9.05 0.53
CA LEU B 109 -0.61 9.94 0.20
C LEU B 109 -1.13 11.09 -0.65
N ASN B 110 -0.42 12.21 -0.61
CA ASN B 110 -0.78 13.37 -1.41
C ASN B 110 0.40 13.73 -2.32
N ALA B 111 0.26 14.84 -3.05
CA ALA B 111 1.29 15.26 -3.98
C ALA B 111 1.75 16.67 -3.64
N ILE B 112 2.99 16.98 -4.02
CA ILE B 112 3.54 18.31 -3.76
C ILE B 112 4.18 18.85 -5.04
N SER B 113 4.11 20.17 -5.22
CA SER B 113 4.68 20.81 -6.39
C SER B 113 6.13 21.20 -6.15
N VAL B 114 6.99 20.86 -7.11
CA VAL B 114 8.43 21.13 -7.01
C VAL B 114 8.84 21.93 -8.24
N LEU B 115 9.52 23.05 -8.00
CA LEU B 115 10.03 23.93 -9.05
C LEU B 115 11.55 23.77 -9.07
N TYR B 116 12.06 23.03 -10.05
CA TYR B 116 13.45 22.61 -10.07
C TYR B 116 14.12 22.96 -11.39
N PHE B 117 15.45 23.05 -11.33
CA PHE B 117 16.26 23.23 -12.53
C PHE B 117 16.49 21.90 -13.21
N ASP B 118 16.47 21.90 -14.55
CA ASP B 118 16.82 20.71 -15.30
C ASP B 118 18.29 20.77 -15.69
N ASP B 119 18.71 19.89 -16.60
CA ASP B 119 20.11 19.86 -17.04
C ASP B 119 20.45 20.96 -18.03
N ASN B 120 19.47 21.72 -18.53
CA ASN B 120 19.71 22.76 -19.52
C ASN B 120 19.44 24.15 -18.95
N SER B 121 19.69 24.34 -17.66
CA SER B 121 19.58 25.61 -16.94
C SER B 121 18.17 26.20 -16.99
N ASN B 122 17.19 25.47 -17.50
CA ASN B 122 15.80 25.90 -17.45
C ASN B 122 15.19 25.53 -16.10
N VAL B 123 14.01 26.08 -15.84
CA VAL B 123 13.27 25.81 -14.60
C VAL B 123 11.91 25.24 -14.96
N ILE B 124 11.51 24.18 -14.27
CA ILE B 124 10.28 23.46 -14.58
C ILE B 124 9.54 23.16 -13.29
N LEU B 125 8.22 23.31 -13.33
CA LEU B 125 7.33 22.96 -12.23
C LEU B 125 6.71 21.60 -12.50
N LYS B 126 6.75 20.72 -11.49
CA LYS B 126 6.21 19.37 -11.63
C LYS B 126 5.53 18.96 -10.34
N LYS B 127 4.39 18.29 -10.46
CA LYS B 127 3.63 17.79 -9.32
C LYS B 127 4.14 16.39 -9.00
N TYR B 128 5.06 16.28 -8.04
CA TYR B 128 5.53 14.96 -7.63
C TYR B 128 4.44 14.31 -6.79
N ARG B 129 4.05 13.09 -7.18
CA ARG B 129 2.94 12.41 -6.53
C ARG B 129 3.48 11.52 -5.42
N ASN B 130 2.63 11.26 -4.42
CA ASN B 130 2.96 10.35 -3.32
C ASN B 130 4.20 10.79 -2.55
N MET B 131 4.22 12.06 -2.15
CA MET B 131 5.36 12.63 -1.44
C MET B 131 5.12 12.80 0.05
N VAL B 132 3.87 12.99 0.48
CA VAL B 132 3.55 13.14 1.90
C VAL B 132 2.57 12.04 2.31
N VAL B 133 2.51 11.80 3.61
CA VAL B 133 1.69 10.73 4.18
C VAL B 133 0.64 11.36 5.09
N ARG B 134 -0.60 10.90 4.96
CA ARG B 134 -1.70 11.35 5.79
C ARG B 134 -2.39 10.24 6.56
N ALA B 135 -1.98 8.98 6.36
CA ALA B 135 -2.55 7.85 7.09
C ALA B 135 -1.61 6.67 6.96
N CYS B 136 -1.37 5.98 8.07
CA CYS B 136 -0.49 4.81 8.11
C CYS B 136 -1.28 3.63 8.63
N GLY B 137 -1.39 2.58 7.81
CA GLY B 137 -2.10 1.37 8.17
C GLY B 137 -1.20 0.16 8.07
N CYS B 138 -1.71 -0.98 8.55
CA CYS B 138 -0.97 -2.24 8.49
C CYS B 138 -1.21 -2.89 7.12
N HIS B 139 -0.68 -2.24 6.10
CA HIS B 139 -0.82 -2.72 4.73
C HIS B 139 -0.02 -4.00 4.51
N THR C 36 17.32 -10.14 2.68
CA THR C 36 17.80 -8.76 2.75
C THR C 36 17.36 -7.97 1.53
N ALA C 37 16.20 -8.35 0.97
CA ALA C 37 15.64 -7.66 -0.18
C ALA C 37 14.14 -7.90 -0.21
N CYS C 38 13.39 -6.88 -0.62
CA CYS C 38 11.94 -7.00 -0.72
C CYS C 38 11.60 -8.10 -1.72
N ARG C 39 11.06 -9.22 -1.24
CA ARG C 39 10.75 -10.35 -2.10
C ARG C 39 9.34 -10.84 -1.79
N LYS C 40 8.89 -11.84 -2.55
CA LYS C 40 7.58 -12.44 -2.38
C LYS C 40 7.86 -13.89 -2.01
N HIS C 41 8.05 -14.15 -0.72
CA HIS C 41 8.25 -15.51 -0.25
C HIS C 41 6.92 -16.26 -0.31
N GLU C 42 6.94 -17.45 -0.92
CA GLU C 42 5.70 -18.22 -1.07
C GLU C 42 5.51 -19.17 0.10
N LEU C 43 4.26 -19.30 0.54
CA LEU C 43 3.91 -20.21 1.62
C LEU C 43 2.45 -20.63 1.47
N TYR C 44 2.10 -21.74 2.11
CA TYR C 44 0.75 -22.30 2.05
C TYR C 44 0.18 -22.28 3.47
N VAL C 45 -0.85 -21.47 3.69
CA VAL C 45 -1.51 -21.37 4.98
C VAL C 45 -2.79 -22.20 4.97
N SER C 46 -2.93 -23.08 5.96
CA SER C 46 -4.08 -23.95 6.09
C SER C 46 -5.01 -23.44 7.18
N PHE C 47 -6.31 -23.55 6.93
CA PHE C 47 -7.36 -23.10 7.84
C PHE C 47 -7.60 -24.08 8.98
N GLN C 48 -6.94 -25.23 8.97
CA GLN C 48 -7.06 -26.19 10.06
C GLN C 48 -6.23 -25.71 11.24
N ASP C 49 -5.10 -25.05 10.94
CA ASP C 49 -4.19 -24.50 11.94
C ASP C 49 -4.69 -23.19 12.53
N LEU C 50 -5.39 -22.38 11.74
CA LEU C 50 -5.89 -21.10 12.24
C LEU C 50 -7.13 -21.24 13.11
N GLY C 51 -7.68 -22.44 13.21
CA GLY C 51 -8.89 -22.75 13.94
C GLY C 51 -10.19 -22.60 13.17
N TRP C 52 -10.13 -22.12 11.92
CA TRP C 52 -11.31 -22.01 11.06
C TRP C 52 -11.55 -23.36 10.40
N GLN C 53 -11.99 -24.31 11.23
CA GLN C 53 -12.19 -25.70 10.81
C GLN C 53 -13.65 -26.11 10.79
N ASP C 54 -14.48 -25.54 11.66
CA ASP C 54 -15.88 -25.95 11.77
C ASP C 54 -16.86 -24.88 11.32
N TRP C 55 -16.37 -23.87 10.59
CA TRP C 55 -17.24 -22.87 9.97
C TRP C 55 -16.80 -22.49 8.56
N ILE C 56 -15.79 -23.14 8.00
CA ILE C 56 -15.36 -22.90 6.63
C ILE C 56 -15.39 -24.25 5.92
N ILE C 57 -16.15 -24.34 4.83
CA ILE C 57 -16.24 -25.60 4.11
C ILE C 57 -15.14 -25.73 3.06
N ALA C 58 -14.86 -24.65 2.33
CA ALA C 58 -13.82 -24.67 1.31
C ALA C 58 -13.36 -23.25 1.08
N PRO C 59 -12.06 -23.03 0.83
CA PRO C 59 -10.93 -23.96 0.72
C PRO C 59 -10.35 -24.38 2.07
N LYS C 60 -9.74 -25.56 2.15
CA LYS C 60 -9.07 -25.95 3.39
C LYS C 60 -7.77 -25.18 3.63
N GLY C 61 -7.30 -24.44 2.62
CA GLY C 61 -6.08 -23.67 2.76
C GLY C 61 -5.76 -23.02 1.44
N TYR C 62 -4.96 -21.95 1.51
CA TYR C 62 -4.62 -21.25 0.29
C TYR C 62 -3.16 -20.76 0.41
N ALA C 63 -2.74 -19.90 -0.51
CA ALA C 63 -1.35 -19.45 -0.51
C ALA C 63 -1.35 -17.95 -0.28
N ALA C 64 -0.78 -17.51 0.85
CA ALA C 64 -0.77 -16.10 1.19
C ALA C 64 0.39 -15.36 0.54
N ASN C 65 1.56 -16.00 0.45
CA ASN C 65 2.74 -15.41 -0.19
C ASN C 65 3.13 -14.08 0.49
N TYR C 66 3.55 -14.21 1.75
CA TYR C 66 3.95 -13.03 2.51
C TYR C 66 5.19 -12.38 1.90
N CYS C 67 5.46 -11.17 2.37
CA CYS C 67 6.56 -10.35 1.87
C CYS C 67 7.57 -10.11 2.98
N ASP C 68 8.85 -10.04 2.61
CA ASP C 68 9.89 -9.80 3.59
C ASP C 68 11.11 -9.20 2.88
N GLY C 69 12.00 -8.61 3.67
CA GLY C 69 13.22 -8.02 3.17
C GLY C 69 13.48 -6.68 3.81
N GLU C 70 14.39 -5.93 3.19
CA GLU C 70 14.77 -4.59 3.62
C GLU C 70 14.92 -3.72 2.39
N CYS C 71 14.71 -2.42 2.56
CA CYS C 71 14.85 -1.45 1.47
C CYS C 71 15.99 -0.50 1.82
N SER C 72 16.99 -0.42 0.94
CA SER C 72 18.11 0.48 1.12
C SER C 72 18.27 1.42 -0.08
N PHE C 73 18.78 2.61 0.18
CA PHE C 73 19.00 3.59 -0.88
C PHE C 73 20.07 3.13 -1.86
N PRO C 74 19.95 3.55 -3.12
CA PRO C 74 18.69 3.85 -3.82
C PRO C 74 17.97 2.56 -4.15
N LEU C 75 16.76 2.64 -4.70
CA LEU C 75 15.96 1.46 -4.99
C LEU C 75 15.79 1.32 -6.50
N ASN C 76 16.08 0.13 -7.00
CA ASN C 76 15.94 -0.16 -8.41
C ASN C 76 14.46 -0.32 -8.78
N ALA C 77 14.18 -0.25 -10.09
CA ALA C 77 12.82 -0.38 -10.58
C ALA C 77 12.16 -1.70 -10.17
N HIS C 78 12.96 -2.71 -9.85
CA HIS C 78 12.39 -3.96 -9.36
C HIS C 78 11.67 -3.74 -8.03
N MET C 79 12.31 -3.04 -7.09
CA MET C 79 11.60 -2.70 -5.87
C MET C 79 10.58 -1.61 -6.15
N ASN C 80 9.33 -1.99 -6.41
CA ASN C 80 8.29 -1.01 -6.76
C ASN C 80 8.09 -0.11 -5.56
N ALA C 81 8.65 1.09 -5.61
CA ALA C 81 8.59 1.99 -4.45
C ALA C 81 8.03 3.35 -4.83
N THR C 82 7.42 4.00 -3.85
CA THR C 82 6.91 5.33 -4.10
C THR C 82 7.99 6.39 -3.85
N ASN C 83 7.68 7.62 -4.23
CA ASN C 83 8.61 8.73 -4.02
C ASN C 83 8.89 8.93 -2.53
N HIS C 84 7.84 8.82 -1.71
CA HIS C 84 8.04 8.96 -0.27
C HIS C 84 9.00 7.89 0.26
N ALA C 85 8.87 6.65 -0.22
CA ALA C 85 9.80 5.60 0.19
C ALA C 85 11.24 5.99 -0.11
N ILE C 86 11.47 6.62 -1.27
CA ILE C 86 12.84 7.01 -1.64
C ILE C 86 13.36 8.14 -0.76
N VAL C 87 12.51 9.13 -0.48
CA VAL C 87 12.86 10.23 0.40
C VAL C 87 13.18 9.69 1.79
N GLN C 88 12.38 8.73 2.25
CA GLN C 88 12.59 8.15 3.57
C GLN C 88 13.89 7.36 3.63
N THR C 89 14.20 6.55 2.60
CA THR C 89 15.45 5.82 2.69
C THR C 89 16.64 6.77 2.59
N LEU C 90 16.50 7.88 1.87
CA LEU C 90 17.58 8.84 1.79
C LEU C 90 17.80 9.57 3.11
N VAL C 91 16.71 9.97 3.78
CA VAL C 91 16.86 10.64 5.07
C VAL C 91 17.35 9.65 6.13
N HIS C 92 17.13 8.36 5.91
CA HIS C 92 17.69 7.32 6.77
C HIS C 92 19.19 7.11 6.52
N LEU C 93 19.62 7.18 5.26
CA LEU C 93 21.03 7.10 4.95
C LEU C 93 21.79 8.29 5.50
N MET C 94 21.19 9.48 5.41
CA MET C 94 21.84 10.67 5.97
C MET C 94 21.97 10.59 7.49
N ASN C 95 20.92 10.15 8.17
CA ASN C 95 20.87 9.95 9.62
C ASN C 95 20.20 8.65 10.00
N PRO C 96 20.93 7.69 10.58
CA PRO C 96 20.32 6.38 10.81
C PRO C 96 19.28 6.34 11.91
N GLU C 97 19.44 7.15 12.96
CA GLU C 97 18.47 7.11 14.05
C GLU C 97 17.28 8.03 13.82
N TYR C 98 17.34 8.89 12.81
CA TYR C 98 16.22 9.80 12.56
C TYR C 98 14.99 9.02 12.10
N VAL C 99 15.12 8.30 10.98
CA VAL C 99 14.00 7.59 10.38
C VAL C 99 14.39 6.14 10.06
N PRO C 100 13.51 5.19 10.35
CA PRO C 100 13.72 3.79 9.97
C PRO C 100 13.57 3.58 8.47
N LYS C 101 14.09 2.43 8.02
CA LYS C 101 14.03 2.09 6.61
C LYS C 101 12.58 1.88 6.22
N PRO C 102 12.27 2.02 4.92
CA PRO C 102 10.93 1.71 4.43
C PRO C 102 10.60 0.24 4.67
N CYS C 103 9.31 -0.08 4.57
CA CYS C 103 8.81 -1.40 4.89
C CYS C 103 8.38 -2.13 3.62
N CYS C 104 8.82 -3.39 3.50
CA CYS C 104 8.48 -4.27 2.39
C CYS C 104 7.03 -4.72 2.56
N ALA C 105 6.14 -4.10 1.79
CA ALA C 105 4.71 -4.32 1.89
C ALA C 105 4.13 -4.80 0.57
N PRO C 106 3.04 -5.58 0.61
CA PRO C 106 2.41 -6.03 -0.63
C PRO C 106 1.84 -4.84 -1.38
N THR C 107 1.86 -4.95 -2.71
CA THR C 107 1.33 -3.93 -3.60
C THR C 107 0.20 -4.43 -4.48
N LYS C 108 0.32 -5.63 -5.03
CA LYS C 108 -0.70 -6.24 -5.88
C LYS C 108 -1.32 -7.40 -5.12
N LEU C 109 -2.65 -7.36 -4.94
CA LEU C 109 -3.36 -8.40 -4.22
C LEU C 109 -4.52 -8.90 -5.06
N ASN C 110 -4.95 -10.13 -4.82
CA ASN C 110 -6.09 -10.68 -5.52
C ASN C 110 -7.15 -11.09 -4.50
N ALA C 111 -8.22 -11.72 -4.97
CA ALA C 111 -9.32 -12.12 -4.10
C ALA C 111 -9.55 -13.62 -4.21
N ILE C 112 -10.11 -14.21 -3.14
CA ILE C 112 -10.41 -15.64 -3.14
C ILE C 112 -11.83 -15.85 -2.65
N SER C 113 -12.47 -16.90 -3.18
CA SER C 113 -13.84 -17.23 -2.81
C SER C 113 -13.85 -18.17 -1.61
N VAL C 114 -14.68 -17.85 -0.62
CA VAL C 114 -14.81 -18.63 0.60
C VAL C 114 -16.26 -19.02 0.79
N LEU C 115 -16.50 -20.31 1.00
CA LEU C 115 -17.83 -20.87 1.22
C LEU C 115 -17.90 -21.27 2.69
N TYR C 116 -18.58 -20.46 3.50
CA TYR C 116 -18.53 -20.61 4.94
C TYR C 116 -19.94 -20.66 5.53
N PHE C 117 -20.02 -21.25 6.73
CA PHE C 117 -21.25 -21.25 7.50
C PHE C 117 -21.42 -19.95 8.25
N ASP C 118 -22.66 -19.46 8.33
CA ASP C 118 -22.95 -18.28 9.13
C ASP C 118 -23.42 -18.73 10.52
N ASP C 119 -24.00 -17.80 11.28
CA ASP C 119 -24.49 -18.12 12.62
C ASP C 119 -25.84 -18.82 12.61
N ASN C 120 -26.51 -18.93 11.46
CA ASN C 120 -27.82 -19.55 11.37
C ASN C 120 -27.79 -20.85 10.57
N SER C 121 -26.68 -21.57 10.65
CA SER C 121 -26.46 -22.88 10.03
C SER C 121 -26.62 -22.86 8.52
N ASN C 122 -26.75 -21.69 7.91
CA ASN C 122 -26.76 -21.57 6.46
C ASN C 122 -25.33 -21.53 5.93
N VAL C 123 -25.20 -21.67 4.60
CA VAL C 123 -23.90 -21.62 3.94
C VAL C 123 -23.94 -20.51 2.91
N ILE C 124 -22.87 -19.71 2.86
CA ILE C 124 -22.81 -18.52 2.02
C ILE C 124 -21.44 -18.48 1.34
N LEU C 125 -21.45 -18.11 0.07
CA LEU C 125 -20.24 -17.89 -0.71
C LEU C 125 -19.94 -16.40 -0.76
N LYS C 126 -18.68 -16.03 -0.49
CA LYS C 126 -18.29 -14.63 -0.48
C LYS C 126 -16.89 -14.50 -1.06
N LYS C 127 -16.67 -13.46 -1.87
CA LYS C 127 -15.37 -13.18 -2.46
C LYS C 127 -14.59 -12.28 -1.51
N TYR C 128 -13.73 -12.88 -0.68
CA TYR C 128 -12.90 -12.07 0.20
C TYR C 128 -11.81 -11.41 -0.63
N ARG C 129 -11.68 -10.09 -0.52
CA ARG C 129 -10.76 -9.35 -1.35
C ARG C 129 -9.45 -9.19 -0.60
N ASN C 130 -8.36 -9.02 -1.37
CA ASN C 130 -7.03 -8.76 -0.82
C ASN C 130 -6.57 -9.88 0.13
N MET C 131 -6.66 -11.11 -0.35
CA MET C 131 -6.29 -12.27 0.45
C MET C 131 -4.95 -12.88 0.07
N VAL C 132 -4.53 -12.74 -1.19
CA VAL C 132 -3.25 -13.27 -1.65
C VAL C 132 -2.40 -12.14 -2.18
N VAL C 133 -1.09 -12.38 -2.24
CA VAL C 133 -0.12 -11.38 -2.65
C VAL C 133 0.57 -11.86 -3.92
N ARG C 134 0.71 -10.97 -4.90
CA ARG C 134 1.39 -11.27 -6.14
C ARG C 134 2.57 -10.35 -6.43
N ALA C 135 2.81 -9.35 -5.59
CA ALA C 135 3.93 -8.44 -5.76
C ALA C 135 4.19 -7.72 -4.44
N CYS C 136 5.45 -7.63 -4.05
CA CYS C 136 5.84 -6.96 -2.82
C CYS C 136 6.83 -5.84 -3.15
N GLY C 137 6.45 -4.60 -2.81
CA GLY C 137 7.29 -3.45 -3.06
C GLY C 137 7.57 -2.69 -1.77
N CYS C 138 8.47 -1.72 -1.87
CA CYS C 138 8.82 -0.88 -0.71
C CYS C 138 7.82 0.26 -0.59
N HIS C 139 6.58 -0.11 -0.27
CA HIS C 139 5.50 0.84 -0.13
C HIS C 139 5.70 1.73 1.09
N THR D 8 -12.68 26.90 -4.43
CA THR D 8 -11.94 27.04 -5.69
C THR D 8 -11.07 28.30 -5.67
N ARG D 9 -10.05 28.32 -6.53
CA ARG D 9 -9.15 29.46 -6.61
C ARG D 9 -8.65 29.56 -8.04
N GLU D 10 -7.87 30.61 -8.31
CA GLU D 10 -7.43 30.93 -9.66
C GLU D 10 -6.23 31.86 -9.57
N CYS D 11 -5.20 31.60 -10.37
CA CYS D 11 -3.99 32.41 -10.36
C CYS D 11 -3.58 32.73 -11.79
N ILE D 12 -2.76 33.76 -11.94
CA ILE D 12 -2.34 34.19 -13.27
C ILE D 12 -1.19 33.29 -13.72
N TYR D 13 -1.36 32.62 -14.85
CA TYR D 13 -0.39 31.64 -15.35
C TYR D 13 0.38 32.26 -16.51
N TYR D 14 1.63 32.64 -16.26
CA TYR D 14 2.55 33.08 -17.30
C TYR D 14 3.75 32.15 -17.26
N ASN D 15 4.04 31.51 -18.39
CA ASN D 15 5.14 30.54 -18.47
C ASN D 15 6.15 31.05 -19.50
N ALA D 16 7.40 31.15 -19.06
CA ALA D 16 8.48 31.67 -19.91
C ALA D 16 8.86 30.71 -21.02
N ASN D 17 8.56 29.42 -20.87
CA ASN D 17 8.95 28.39 -21.83
C ASN D 17 7.83 28.07 -22.82
N TRP D 18 6.95 29.05 -23.08
CA TRP D 18 5.77 28.82 -23.90
C TRP D 18 6.12 28.26 -25.27
N GLU D 19 7.31 28.60 -25.79
CA GLU D 19 7.69 28.19 -27.13
C GLU D 19 8.02 26.70 -27.17
N LEU D 20 9.01 26.27 -26.38
CA LEU D 20 9.53 24.92 -26.50
C LEU D 20 8.49 23.88 -26.08
N GLU D 21 7.74 24.15 -25.02
CA GLU D 21 6.67 23.27 -24.59
C GLU D 21 5.34 23.54 -25.30
N ARG D 22 5.35 24.42 -26.31
CA ARG D 22 4.15 24.78 -27.06
C ARG D 22 2.95 25.07 -26.15
N THR D 23 3.21 25.67 -25.00
CA THR D 23 2.17 25.96 -24.02
C THR D 23 1.76 27.43 -24.09
N ASN D 24 0.69 27.75 -23.34
CA ASN D 24 0.19 29.12 -23.30
C ASN D 24 1.22 30.05 -22.67
N GLN D 25 1.36 31.23 -23.27
CA GLN D 25 2.27 32.24 -22.72
C GLN D 25 1.59 33.07 -21.63
N SER D 26 0.40 33.60 -21.92
CA SER D 26 -0.31 34.48 -21.02
C SER D 26 -1.68 33.89 -20.67
N GLY D 27 -2.28 34.41 -19.60
CA GLY D 27 -3.61 34.01 -19.22
C GLY D 27 -3.80 33.85 -17.72
N LEU D 28 -5.03 33.55 -17.30
CA LEU D 28 -5.34 33.21 -15.92
C LEU D 28 -5.90 31.80 -15.87
N GLU D 29 -5.29 30.96 -15.03
CA GLU D 29 -5.60 29.54 -14.97
C GLU D 29 -6.21 29.17 -13.62
N ARG D 30 -7.27 28.38 -13.67
CA ARG D 30 -7.90 27.87 -12.47
C ARG D 30 -6.98 26.88 -11.78
N CYS D 31 -6.98 26.90 -10.45
CA CYS D 31 -6.20 25.95 -9.69
C CYS D 31 -7.00 24.68 -9.43
N GLU D 32 -6.28 23.58 -9.19
CA GLU D 32 -6.91 22.29 -8.93
C GLU D 32 -6.22 21.62 -7.75
N GLY D 33 -6.99 20.83 -7.02
CA GLY D 33 -6.48 20.14 -5.85
C GLY D 33 -7.52 19.19 -5.31
N GLU D 34 -7.09 18.35 -4.36
CA GLU D 34 -7.96 17.36 -3.76
C GLU D 34 -8.77 17.97 -2.63
N GLN D 35 -9.70 17.17 -2.10
CA GLN D 35 -10.54 17.61 -1.00
C GLN D 35 -9.70 17.86 0.26
N ASP D 36 -10.04 18.92 0.99
CA ASP D 36 -9.32 19.31 2.21
C ASP D 36 -7.84 19.56 1.89
N LYS D 37 -7.60 20.32 0.83
CA LYS D 37 -6.24 20.65 0.40
C LYS D 37 -6.23 22.09 -0.10
N ARG D 38 -5.57 22.97 0.64
CA ARG D 38 -5.51 24.37 0.26
C ARG D 38 -4.65 24.54 -0.99
N LEU D 39 -5.07 25.46 -1.86
CA LEU D 39 -4.31 25.80 -3.05
C LEU D 39 -3.77 27.23 -2.92
N HIS D 40 -2.65 27.48 -3.59
CA HIS D 40 -1.98 28.77 -3.48
C HIS D 40 -1.53 29.23 -4.86
N CYS D 41 -1.03 30.46 -4.92
CA CYS D 41 -0.42 31.01 -6.13
C CYS D 41 1.07 31.15 -5.89
N TYR D 42 1.86 30.91 -6.92
CA TYR D 42 3.31 31.02 -6.83
C TYR D 42 3.83 31.89 -7.95
N ALA D 43 4.81 32.73 -7.62
CA ALA D 43 5.51 33.56 -8.59
C ALA D 43 7.01 33.35 -8.43
N SER D 44 7.72 33.31 -9.54
CA SER D 44 9.16 33.10 -9.55
C SER D 44 9.75 33.92 -10.69
N TRP D 45 10.73 34.74 -10.35
CA TRP D 45 11.29 35.71 -11.28
C TRP D 45 12.78 35.91 -10.96
N ARG D 46 13.46 36.61 -11.85
CA ARG D 46 14.87 36.96 -11.70
C ARG D 46 15.00 38.48 -11.61
N ASN D 47 15.58 38.95 -10.51
CA ASN D 47 15.76 40.40 -10.34
C ASN D 47 16.71 40.96 -11.39
N SER D 48 17.88 40.33 -11.55
CA SER D 48 18.86 40.73 -12.56
C SER D 48 19.33 42.16 -12.35
N SER D 49 19.74 42.46 -11.12
CA SER D 49 20.31 43.76 -10.76
C SER D 49 19.43 44.92 -11.24
N GLY D 50 18.12 44.73 -11.15
CA GLY D 50 17.15 45.76 -11.48
C GLY D 50 16.25 45.42 -12.65
N THR D 51 16.78 44.76 -13.67
CA THR D 51 15.99 44.40 -14.86
C THR D 51 15.15 43.18 -14.50
N ILE D 52 13.96 43.42 -13.95
CA ILE D 52 13.11 42.33 -13.52
C ILE D 52 12.61 41.54 -14.72
N GLU D 53 12.71 40.22 -14.64
CA GLU D 53 12.27 39.33 -15.71
C GLU D 53 11.41 38.23 -15.11
N LEU D 54 10.11 38.29 -15.39
CA LEU D 54 9.20 37.26 -14.91
C LEU D 54 9.55 35.90 -15.51
N VAL D 55 9.43 34.86 -14.70
CA VAL D 55 9.78 33.51 -15.16
C VAL D 55 8.55 32.62 -15.14
N LYS D 56 8.19 32.08 -13.97
CA LYS D 56 7.08 31.15 -13.86
C LYS D 56 6.08 31.64 -12.82
N LYS D 57 4.80 31.68 -13.20
CA LYS D 57 3.73 32.06 -12.29
C LYS D 57 2.53 31.16 -12.51
N GLY D 58 1.92 30.71 -11.41
CA GLY D 58 0.79 29.80 -11.56
C GLY D 58 0.31 29.23 -10.23
N CYS D 59 -0.23 28.01 -10.30
CA CYS D 59 -0.82 27.34 -9.15
C CYS D 59 0.21 26.52 -8.38
N TRP D 60 0.02 26.47 -7.06
CA TRP D 60 0.92 25.78 -6.15
C TRP D 60 0.07 24.95 -5.19
N LEU D 61 0.56 23.74 -4.88
CA LEU D 61 -0.17 22.83 -4.03
C LEU D 61 -0.05 23.25 -2.56
N ASP D 62 -0.50 22.38 -1.66
CA ASP D 62 -0.49 22.69 -0.24
C ASP D 62 0.95 22.79 0.26
N ASP D 63 1.26 23.88 0.95
CA ASP D 63 2.60 24.10 1.49
C ASP D 63 2.49 24.71 2.88
N PHE D 64 3.27 24.18 3.82
CA PHE D 64 3.20 24.67 5.20
C PHE D 64 3.79 26.06 5.32
N ASN D 65 4.98 26.29 4.77
CA ASN D 65 5.63 27.58 4.89
C ASN D 65 4.91 28.67 4.10
N CYS D 66 4.06 28.29 3.14
CA CYS D 66 3.23 29.24 2.41
C CYS D 66 1.81 29.16 2.97
N TYR D 67 1.60 29.89 4.06
CA TYR D 67 0.34 29.81 4.79
C TYR D 67 -0.12 31.21 5.18
N ASP D 68 -1.36 31.54 4.81
CA ASP D 68 -1.98 32.82 5.17
C ASP D 68 -1.17 34.02 4.69
N ARG D 69 -0.56 33.88 3.51
CA ARG D 69 0.25 34.95 2.92
C ARG D 69 -0.68 35.81 2.05
N GLN D 70 -1.29 36.82 2.67
CA GLN D 70 -2.21 37.69 1.93
C GLN D 70 -1.50 38.42 0.79
N GLU D 71 -0.19 38.64 0.92
CA GLU D 71 0.64 39.18 -0.15
C GLU D 71 1.65 38.12 -0.57
N CYS D 72 2.48 38.47 -1.56
CA CYS D 72 3.49 37.55 -2.08
C CYS D 72 4.85 38.21 -1.82
N VAL D 73 5.60 37.67 -0.85
CA VAL D 73 6.90 38.20 -0.48
C VAL D 73 7.94 37.09 -0.57
N ALA D 74 9.04 37.38 -1.24
CA ALA D 74 10.15 36.43 -1.38
C ALA D 74 11.13 36.69 -0.23
N THR D 75 11.04 35.89 0.82
CA THR D 75 11.86 36.10 2.00
C THR D 75 13.29 35.60 1.83
N GLU D 76 13.56 34.78 0.82
CA GLU D 76 14.90 34.24 0.62
C GLU D 76 15.87 35.36 0.25
N GLU D 77 17.04 35.37 0.89
CA GLU D 77 18.03 36.41 0.69
C GLU D 77 19.03 36.00 -0.37
N ASN D 78 19.26 36.88 -1.34
CA ASN D 78 20.21 36.65 -2.43
C ASN D 78 20.03 35.30 -3.12
N PRO D 79 18.85 35.04 -3.69
CA PRO D 79 18.66 33.78 -4.41
C PRO D 79 18.92 33.94 -5.91
N GLN D 80 19.27 32.82 -6.54
CA GLN D 80 19.45 32.83 -7.99
C GLN D 80 18.12 33.09 -8.70
N VAL D 81 17.04 32.52 -8.20
CA VAL D 81 15.69 32.75 -8.72
C VAL D 81 14.81 33.10 -7.53
N TYR D 82 14.31 34.33 -7.49
CA TYR D 82 13.40 34.73 -6.43
C TYR D 82 12.07 34.02 -6.59
N PHE D 83 11.49 33.61 -5.46
CA PHE D 83 10.26 32.83 -5.43
C PHE D 83 9.41 33.25 -4.26
N CYS D 84 8.16 33.63 -4.52
CA CYS D 84 7.23 34.00 -3.46
C CYS D 84 5.91 33.26 -3.67
N CYS D 85 5.41 32.64 -2.61
CA CYS D 85 4.13 31.94 -2.63
C CYS D 85 3.13 32.71 -1.78
N CYS D 86 1.89 32.80 -2.27
CA CYS D 86 0.84 33.55 -1.59
C CYS D 86 -0.44 32.74 -1.56
N GLU D 87 -1.29 33.05 -0.59
CA GLU D 87 -2.61 32.46 -0.45
C GLU D 87 -3.64 33.56 -0.70
N GLY D 88 -4.36 33.47 -1.81
CA GLY D 88 -5.34 34.48 -2.14
C GLY D 88 -5.75 34.38 -3.60
N ASN D 89 -6.84 35.07 -3.91
CA ASN D 89 -7.35 35.11 -5.27
C ASN D 89 -6.55 36.14 -6.06
N PHE D 90 -5.80 35.67 -7.06
CA PHE D 90 -5.00 36.53 -7.92
C PHE D 90 -4.00 37.36 -7.12
N CYS D 91 -3.30 36.68 -6.20
CA CYS D 91 -2.31 37.31 -5.34
C CYS D 91 -0.92 37.32 -5.94
N ASN D 92 -0.73 36.76 -7.14
CA ASN D 92 0.58 36.68 -7.77
C ASN D 92 0.80 37.78 -8.81
N GLU D 93 0.08 38.90 -8.69
CA GLU D 93 0.27 40.03 -9.58
C GLU D 93 1.21 41.08 -9.00
N ARG D 94 1.43 41.07 -7.69
CA ARG D 94 2.35 41.98 -7.02
C ARG D 94 3.30 41.16 -6.16
N PHE D 95 4.59 41.47 -6.24
CA PHE D 95 5.59 40.74 -5.49
C PHE D 95 6.73 41.67 -5.11
N THR D 96 7.27 41.48 -3.91
CA THR D 96 8.41 42.24 -3.43
C THR D 96 9.42 41.29 -2.80
N HIS D 97 10.67 41.74 -2.75
CA HIS D 97 11.76 40.99 -2.14
C HIS D 97 12.09 41.64 -0.81
N LEU D 98 11.47 41.12 0.26
CA LEU D 98 11.74 41.60 1.62
C LEU D 98 12.54 40.55 2.37
N PRO D 99 13.85 40.73 2.56
CA PRO D 99 14.65 39.71 3.25
C PRO D 99 14.18 39.52 4.69
N GLU D 100 14.16 38.27 5.13
CA GLU D 100 13.71 37.92 6.47
C GLU D 100 14.89 38.06 7.42
N LYS E 11 -25.28 -2.88 11.63
CA LYS E 11 -25.51 -1.47 11.91
C LYS E 11 -24.27 -0.83 12.54
N LEU E 12 -24.48 0.26 13.29
CA LEU E 12 -23.42 0.93 14.01
C LEU E 12 -23.66 0.82 15.51
N TYR E 13 -22.56 0.65 16.26
CA TYR E 13 -22.64 0.49 17.70
C TYR E 13 -21.45 1.16 18.34
N MET E 14 -21.71 1.99 19.36
CA MET E 14 -20.69 2.74 20.07
C MET E 14 -20.16 1.92 21.24
N CYS E 15 -18.85 1.66 21.25
CA CYS E 15 -18.23 0.92 22.34
C CYS E 15 -16.91 1.57 22.73
N VAL E 16 -16.43 1.19 23.92
CA VAL E 16 -15.17 1.74 24.43
C VAL E 16 -14.01 1.27 23.55
N CYS E 17 -12.92 2.05 23.57
CA CYS E 17 -11.75 1.80 22.73
C CYS E 17 -10.48 1.86 23.55
N GLU E 18 -10.53 1.39 24.79
CA GLU E 18 -9.34 1.37 25.62
C GLU E 18 -8.28 0.46 25.00
N GLY E 19 -7.02 0.79 25.24
CA GLY E 19 -5.95 -0.05 24.75
C GLY E 19 -4.78 0.73 24.20
N LEU E 20 -3.71 0.03 23.84
CA LEU E 20 -2.49 0.70 23.37
C LEU E 20 -2.71 1.47 22.08
N SER E 21 -3.65 1.04 21.25
CA SER E 21 -3.86 1.63 19.93
C SER E 21 -5.28 2.12 19.78
N CYS E 22 -5.44 3.44 19.74
CA CYS E 22 -6.71 4.12 19.48
C CYS E 22 -6.40 5.60 19.27
N GLY E 23 -7.27 6.28 18.53
CA GLY E 23 -7.00 7.64 18.12
C GLY E 23 -7.35 8.66 19.20
N ASN E 24 -7.26 8.26 20.46
CA ASN E 24 -7.53 9.09 21.64
C ASN E 24 -9.03 9.32 21.83
N GLU E 25 -9.85 8.44 21.26
CA GLU E 25 -11.31 8.53 21.38
C GLU E 25 -11.84 7.17 21.82
N ASP E 26 -12.26 7.08 23.08
CA ASP E 26 -12.85 5.84 23.57
C ASP E 26 -14.07 5.45 22.75
N HIS E 27 -14.84 6.43 22.28
CA HIS E 27 -16.00 6.17 21.45
C HIS E 27 -15.55 5.55 20.13
N CYS E 28 -15.98 4.30 19.89
CA CYS E 28 -15.64 3.59 18.65
C CYS E 28 -16.93 3.08 18.04
N GLU E 29 -17.24 3.54 16.84
CA GLU E 29 -18.48 3.20 16.15
C GLU E 29 -18.17 2.06 15.19
N GLY E 30 -18.78 0.90 15.41
CA GLY E 30 -18.45 -0.24 14.58
C GLY E 30 -19.61 -1.18 14.36
N GLN E 31 -19.42 -2.07 13.37
CA GLN E 31 -20.40 -3.13 13.11
C GLN E 31 -20.32 -4.22 14.18
N GLN E 32 -19.13 -4.50 14.70
CA GLN E 32 -18.98 -5.56 15.70
C GLN E 32 -17.92 -5.11 16.70
N CYS E 33 -18.33 -4.89 17.95
CA CYS E 33 -17.33 -4.54 18.95
C CYS E 33 -16.75 -5.80 19.60
N PHE E 34 -15.60 -5.65 20.24
CA PHE E 34 -14.95 -6.83 20.81
C PHE E 34 -14.03 -6.41 21.94
N SER E 35 -13.47 -7.44 22.58
CA SER E 35 -12.46 -7.34 23.62
C SER E 35 -11.48 -8.49 23.45
N SER E 36 -10.19 -8.18 23.41
CA SER E 36 -9.15 -9.16 23.14
C SER E 36 -8.09 -9.12 24.23
N LEU E 37 -7.47 -10.28 24.44
CA LEU E 37 -6.36 -10.42 25.39
C LEU E 37 -5.39 -11.41 24.78
N SER E 38 -4.20 -10.95 24.40
CA SER E 38 -3.24 -11.77 23.70
C SER E 38 -2.10 -12.19 24.63
N ILE E 39 -1.03 -12.71 24.03
CA ILE E 39 0.18 -13.09 24.76
C ILE E 39 1.38 -12.55 24.01
N ASN E 40 1.11 -11.69 23.03
CA ASN E 40 2.16 -11.09 22.22
C ASN E 40 3.24 -10.45 23.09
N ASP E 41 4.48 -10.52 22.58
CA ASP E 41 5.70 -10.13 23.29
C ASP E 41 5.65 -10.49 24.78
N GLY E 42 5.23 -11.72 25.05
CA GLY E 42 5.29 -12.27 26.40
C GLY E 42 4.57 -11.47 27.46
N PHE E 43 3.56 -10.70 27.09
CA PHE E 43 2.80 -9.89 28.03
C PHE E 43 1.31 -10.19 27.89
N HIS E 44 0.50 -9.53 28.71
CA HIS E 44 -0.93 -9.78 28.78
C HIS E 44 -1.73 -8.58 28.28
N VAL E 45 -1.33 -8.04 27.12
CA VAL E 45 -1.90 -6.78 26.64
C VAL E 45 -3.39 -6.94 26.42
N TYR E 46 -4.15 -5.97 26.92
CA TYR E 46 -5.61 -5.96 26.75
C TYR E 46 -6.00 -4.94 25.69
N GLN E 47 -7.01 -5.29 24.91
CA GLN E 47 -7.49 -4.43 23.82
C GLN E 47 -9.01 -4.47 23.82
N LYS E 48 -9.62 -3.35 23.47
CA LYS E 48 -11.07 -3.28 23.34
C LYS E 48 -11.39 -2.33 22.20
N GLY E 49 -12.18 -2.79 21.24
CA GLY E 49 -12.39 -1.95 20.07
C GLY E 49 -13.61 -2.33 19.27
N CYS E 50 -13.68 -1.78 18.05
CA CYS E 50 -14.82 -1.99 17.18
C CYS E 50 -14.35 -2.33 15.77
N PHE E 51 -15.21 -3.00 15.02
CA PHE E 51 -14.97 -3.48 13.65
C PHE E 51 -16.00 -2.93 12.68
N GLN E 52 -15.59 -1.95 11.86
CA GLN E 52 -16.42 -1.37 10.81
C GLN E 52 -16.26 -2.11 9.48
N VAL E 53 -15.81 -3.37 9.51
CA VAL E 53 -15.66 -4.20 8.31
C VAL E 53 -16.27 -5.56 8.63
N TYR E 54 -17.39 -5.89 7.98
CA TYR E 54 -18.09 -7.13 8.31
C TYR E 54 -17.20 -8.35 8.06
N GLU E 55 -16.57 -8.42 6.88
CA GLU E 55 -15.76 -9.59 6.53
C GLU E 55 -14.66 -9.81 7.57
N GLN E 56 -13.96 -8.73 7.95
CA GLN E 56 -12.87 -8.86 8.91
C GLN E 56 -13.40 -9.14 10.30
N GLY E 57 -14.51 -8.49 10.67
CA GLY E 57 -15.07 -8.72 11.99
C GLY E 57 -15.48 -10.16 12.15
N LYS E 58 -16.11 -10.72 11.13
CA LYS E 58 -16.56 -12.10 11.19
C LYS E 58 -15.36 -13.03 11.28
N MET E 59 -14.40 -12.90 10.35
CA MET E 59 -13.27 -13.84 10.36
C MET E 59 -12.53 -13.78 11.69
N THR E 60 -12.37 -12.58 12.27
CA THR E 60 -11.64 -12.47 13.53
C THR E 60 -12.49 -12.83 14.75
N CYS E 61 -13.81 -12.91 14.62
CA CYS E 61 -14.68 -13.31 15.72
C CYS E 61 -15.15 -14.75 15.60
N LYS E 62 -14.74 -15.46 14.55
CA LYS E 62 -15.08 -16.87 14.42
C LYS E 62 -13.92 -17.79 14.80
N THR E 63 -12.74 -17.24 15.05
CA THR E 63 -11.61 -18.06 15.47
C THR E 63 -11.90 -18.66 16.85
N PRO E 64 -11.46 -19.89 17.11
CA PRO E 64 -11.72 -20.52 18.41
C PRO E 64 -10.72 -20.07 19.45
N PRO E 65 -11.20 -19.42 20.54
CA PRO E 65 -10.30 -19.05 21.64
C PRO E 65 -9.31 -20.14 22.01
N SER E 66 -8.05 -19.76 22.22
CA SER E 66 -6.99 -20.71 22.50
C SER E 66 -5.86 -19.99 23.22
N PRO E 67 -4.72 -20.63 23.49
CA PRO E 67 -3.59 -19.89 24.06
C PRO E 67 -3.04 -18.90 23.05
N GLY E 68 -2.99 -17.63 23.46
CA GLY E 68 -2.48 -16.54 22.64
C GLY E 68 -3.53 -15.55 22.22
N GLN E 69 -4.78 -15.98 22.08
CA GLN E 69 -5.85 -15.13 21.61
C GLN E 69 -7.10 -15.31 22.47
N ALA E 70 -7.86 -14.24 22.62
CA ALA E 70 -9.12 -14.25 23.36
C ALA E 70 -9.99 -13.13 22.80
N VAL E 71 -10.48 -13.32 21.58
CA VAL E 71 -11.26 -12.29 20.89
C VAL E 71 -12.73 -12.57 21.16
N GLU E 72 -13.26 -12.02 22.26
CA GLU E 72 -14.67 -12.15 22.56
C GLU E 72 -15.39 -10.93 22.00
N CYS E 73 -16.28 -11.15 21.04
CA CYS E 73 -16.96 -10.06 20.36
C CYS E 73 -18.35 -9.82 20.95
N CYS E 74 -19.10 -8.92 20.33
CA CYS E 74 -20.39 -8.46 20.82
C CYS E 74 -21.02 -7.58 19.76
N GLN E 75 -22.36 -7.63 19.68
CA GLN E 75 -23.12 -7.05 18.59
C GLN E 75 -23.96 -5.84 18.99
N GLY E 76 -24.13 -5.57 20.28
CA GLY E 76 -25.15 -4.66 20.75
C GLY E 76 -24.64 -3.27 21.06
N ASP E 77 -25.39 -2.55 21.89
CA ASP E 77 -25.07 -1.18 22.25
C ASP E 77 -24.20 -1.14 23.49
N TRP E 78 -23.01 -0.55 23.37
CA TRP E 78 -22.01 -0.51 24.44
C TRP E 78 -21.71 -1.91 24.95
N CYS E 79 -21.90 -2.90 24.09
CA CYS E 79 -21.73 -4.32 24.39
C CYS E 79 -20.33 -4.68 24.86
N ASN E 80 -19.36 -3.78 24.77
CA ASN E 80 -17.97 -4.12 25.06
C ASN E 80 -17.57 -3.83 26.50
N ARG E 81 -18.22 -2.84 27.15
CA ARG E 81 -17.80 -2.39 28.48
C ARG E 81 -17.53 -3.54 29.44
N ASN E 82 -18.52 -4.40 29.68
CA ASN E 82 -18.38 -5.43 30.70
C ASN E 82 -18.40 -6.85 30.13
N ILE E 83 -17.59 -7.12 29.11
CA ILE E 83 -17.47 -8.46 28.54
C ILE E 83 -15.99 -8.76 28.41
N THR E 84 -15.23 -8.43 29.45
CA THR E 84 -13.77 -8.58 29.46
C THR E 84 -13.37 -9.98 29.01
N ALA E 85 -12.34 -10.04 28.17
CA ALA E 85 -11.85 -11.31 27.65
C ALA E 85 -11.08 -12.08 28.72
N GLN E 86 -11.10 -13.40 28.61
CA GLN E 86 -10.37 -14.27 29.52
C GLN E 86 -9.78 -15.44 28.74
N LEU E 87 -8.52 -15.75 29.01
CA LEU E 87 -7.84 -16.84 28.33
C LEU E 87 -8.49 -18.17 28.70
N PRO E 88 -8.26 -19.22 27.90
CA PRO E 88 -8.87 -20.52 28.20
C PRO E 88 -8.12 -21.29 29.27
N THR E 89 -8.39 -22.58 29.40
CA THR E 89 -7.78 -23.44 30.40
C THR E 89 -6.28 -23.22 30.50
N LYS F 11 13.47 7.17 -23.05
CA LYS F 11 13.22 5.93 -23.78
C LYS F 11 13.49 4.72 -22.89
N LEU F 12 13.81 3.59 -23.51
CA LEU F 12 14.17 2.37 -22.81
C LEU F 12 15.61 2.01 -23.11
N TYR F 13 16.31 1.48 -22.10
CA TYR F 13 17.71 1.14 -22.22
C TYR F 13 17.99 -0.10 -21.39
N MET F 14 18.64 -1.09 -22.01
CA MET F 14 18.98 -2.36 -21.37
C MET F 14 20.33 -2.26 -20.68
N CYS F 15 20.36 -2.49 -19.37
CA CYS F 15 21.61 -2.47 -18.62
C CYS F 15 21.66 -3.62 -17.64
N VAL F 16 22.87 -3.91 -17.15
CA VAL F 16 23.08 -5.00 -16.20
C VAL F 16 22.37 -4.69 -14.89
N CYS F 17 22.03 -5.74 -14.14
CA CYS F 17 21.28 -5.63 -12.90
C CYS F 17 21.95 -6.44 -11.80
N GLU F 18 23.28 -6.46 -11.78
CA GLU F 18 23.98 -7.17 -10.72
C GLU F 18 23.69 -6.52 -9.38
N GLY F 19 23.71 -7.33 -8.32
CA GLY F 19 23.51 -6.80 -7.00
C GLY F 19 22.64 -7.69 -6.13
N LEU F 20 22.50 -7.32 -4.85
CA LEU F 20 21.77 -8.16 -3.91
C LEU F 20 20.29 -8.28 -4.28
N SER F 21 19.73 -7.27 -4.94
CA SER F 21 18.29 -7.23 -5.23
C SER F 21 18.06 -7.11 -6.73
N CYS F 22 17.55 -8.18 -7.33
CA CYS F 22 17.12 -8.23 -8.72
C CYS F 22 16.37 -9.53 -8.93
N GLY F 23 15.47 -9.54 -9.91
CA GLY F 23 14.59 -10.68 -10.10
C GLY F 23 15.22 -11.82 -10.87
N ASN F 24 16.54 -11.97 -10.75
CA ASN F 24 17.34 -13.00 -11.38
C ASN F 24 17.53 -12.75 -12.87
N GLU F 25 17.37 -11.50 -13.30
CA GLU F 25 17.52 -11.11 -14.69
C GLU F 25 18.47 -9.92 -14.76
N ASP F 26 19.70 -10.15 -15.22
CA ASP F 26 20.64 -9.04 -15.39
C ASP F 26 20.09 -7.98 -16.33
N HIS F 27 19.34 -8.40 -17.35
CA HIS F 27 18.73 -7.45 -18.28
C HIS F 27 17.71 -6.60 -17.53
N CYS F 28 17.96 -5.28 -17.47
CA CYS F 28 17.06 -4.34 -16.82
C CYS F 28 16.76 -3.22 -17.81
N GLU F 29 15.48 -3.08 -18.16
CA GLU F 29 15.04 -2.10 -19.14
C GLU F 29 14.56 -0.87 -18.39
N GLY F 30 15.22 0.27 -18.57
CA GLY F 30 14.84 1.43 -17.80
C GLY F 30 15.05 2.73 -18.55
N GLN F 31 14.46 3.78 -17.99
CA GLN F 31 14.66 5.13 -18.51
C GLN F 31 16.04 5.66 -18.15
N GLN F 32 16.56 5.31 -16.98
CA GLN F 32 17.87 5.81 -16.55
C GLN F 32 18.57 4.68 -15.80
N CYS F 33 19.67 4.18 -16.35
CA CYS F 33 20.42 3.16 -15.62
C CYS F 33 21.45 3.81 -14.70
N PHE F 34 21.93 3.06 -13.72
CA PHE F 34 22.85 3.63 -12.75
C PHE F 34 23.70 2.54 -12.13
N SER F 35 24.63 2.99 -11.29
CA SER F 35 25.51 2.17 -10.47
C SER F 35 25.72 2.90 -9.15
N SER F 36 25.50 2.19 -8.04
CA SER F 36 25.54 2.77 -6.71
C SER F 36 26.47 1.97 -5.82
N LEU F 37 27.06 2.67 -4.85
CA LEU F 37 27.94 2.06 -3.85
C LEU F 37 27.68 2.80 -2.54
N SER F 38 27.09 2.11 -1.57
CA SER F 38 26.68 2.75 -0.32
C SER F 38 27.64 2.37 0.81
N ILE F 39 27.22 2.66 2.04
CA ILE F 39 27.97 2.32 3.24
C ILE F 39 27.00 1.69 4.24
N ASN F 40 25.78 1.40 3.77
CA ASN F 40 24.75 0.80 4.61
C ASN F 40 25.26 -0.43 5.33
N ASP F 41 24.75 -0.62 6.55
CA ASP F 41 25.20 -1.65 7.50
C ASP F 41 26.71 -1.85 7.46
N GLY F 42 27.44 -0.75 7.47
CA GLY F 42 28.89 -0.78 7.61
C GLY F 42 29.62 -1.61 6.57
N PHE F 43 29.05 -1.78 5.38
CA PHE F 43 29.66 -2.56 4.32
C PHE F 43 29.72 -1.73 3.05
N HIS F 44 30.30 -2.32 2.00
CA HIS F 44 30.53 -1.61 0.74
C HIS F 44 29.68 -2.20 -0.37
N VAL F 45 28.39 -2.38 -0.10
CA VAL F 45 27.51 -3.10 -1.02
C VAL F 45 27.45 -2.36 -2.36
N TYR F 46 27.59 -3.11 -3.45
CA TYR F 46 27.52 -2.55 -4.79
C TYR F 46 26.18 -2.91 -5.42
N GLN F 47 25.63 -1.96 -6.19
CA GLN F 47 24.34 -2.13 -6.85
C GLN F 47 24.45 -1.57 -8.26
N LYS F 48 23.74 -2.20 -9.18
CA LYS F 48 23.68 -1.71 -10.56
C LYS F 48 22.28 -2.00 -11.09
N GLY F 49 21.60 -0.98 -11.59
CA GLY F 49 20.23 -1.20 -11.98
C GLY F 49 19.69 -0.16 -12.92
N CYS F 50 18.37 -0.17 -13.09
CA CYS F 50 17.69 0.72 -14.02
C CYS F 50 16.48 1.37 -13.34
N PHE F 51 16.08 2.52 -13.86
CA PHE F 51 14.98 3.34 -13.36
C PHE F 51 13.93 3.58 -14.44
N GLN F 52 12.80 2.89 -14.33
CA GLN F 52 11.64 3.07 -15.22
C GLN F 52 10.68 4.13 -14.70
N VAL F 53 11.15 5.05 -13.86
CA VAL F 53 10.33 6.15 -13.33
C VAL F 53 11.16 7.42 -13.45
N TYR F 54 10.74 8.33 -14.33
CA TYR F 54 11.53 9.53 -14.59
C TYR F 54 11.70 10.37 -13.32
N GLU F 55 10.60 10.64 -12.62
CA GLU F 55 10.67 11.48 -11.42
C GLU F 55 11.64 10.91 -10.40
N GLN F 56 11.56 9.60 -10.14
CA GLN F 56 12.43 8.98 -9.16
C GLN F 56 13.85 8.89 -9.67
N GLY F 57 14.03 8.59 -10.96
CA GLY F 57 15.36 8.50 -11.52
C GLY F 57 16.07 9.83 -11.41
N LYS F 58 15.36 10.91 -11.73
CA LYS F 58 15.95 12.24 -11.66
C LYS F 58 16.31 12.59 -10.23
N MET F 59 15.34 12.48 -9.30
CA MET F 59 15.63 12.89 -7.94
C MET F 59 16.80 12.10 -7.35
N THR F 60 16.89 10.79 -7.67
CA THR F 60 17.98 9.98 -7.14
C THR F 60 19.29 10.15 -7.90
N CYS F 61 19.26 10.73 -9.09
CA CYS F 61 20.49 10.98 -9.86
C CYS F 61 20.94 12.44 -9.78
N LYS F 62 20.21 13.29 -9.07
CA LYS F 62 20.63 14.67 -8.89
C LYS F 62 21.24 14.92 -7.53
N THR F 63 21.21 13.94 -6.62
CA THR F 63 21.84 14.10 -5.33
C THR F 63 23.35 14.21 -5.50
N PRO F 64 24.02 15.03 -4.69
CA PRO F 64 25.47 15.20 -4.82
C PRO F 64 26.22 14.08 -4.12
N PRO F 65 27.02 13.29 -4.87
CA PRO F 65 27.86 12.25 -4.25
C PRO F 65 28.53 12.72 -2.97
N SER F 66 28.51 11.86 -1.95
CA SER F 66 29.07 12.22 -0.65
C SER F 66 29.41 10.94 0.10
N PRO F 67 29.84 11.00 1.37
CA PRO F 67 30.03 9.74 2.12
C PRO F 67 28.68 9.07 2.36
N GLY F 68 28.60 7.80 1.95
CA GLY F 68 27.42 6.99 2.12
C GLY F 68 26.72 6.64 0.82
N GLN F 69 26.81 7.52 -0.18
CA GLN F 69 26.13 7.33 -1.44
C GLN F 69 27.06 7.61 -2.60
N ALA F 70 26.86 6.89 -3.71
CA ALA F 70 27.62 7.08 -4.94
C ALA F 70 26.73 6.62 -6.10
N VAL F 71 25.70 7.40 -6.39
CA VAL F 71 24.72 7.03 -7.42
C VAL F 71 25.16 7.69 -8.73
N GLU F 72 26.00 7.00 -9.49
CA GLU F 72 26.42 7.49 -10.80
C GLU F 72 25.49 6.89 -11.85
N CYS F 73 24.73 7.75 -12.53
CA CYS F 73 23.73 7.29 -13.47
C CYS F 73 24.28 7.36 -14.91
N CYS F 74 23.42 7.06 -15.87
CA CYS F 74 23.77 6.94 -17.27
C CYS F 74 22.50 6.78 -18.09
N GLN F 75 22.52 7.32 -19.31
CA GLN F 75 21.33 7.49 -20.14
C GLN F 75 21.32 6.59 -21.37
N GLY F 76 22.43 5.95 -21.73
CA GLY F 76 22.58 5.35 -23.04
C GLY F 76 22.33 3.85 -23.05
N ASP F 77 22.88 3.20 -24.08
CA ASP F 77 22.69 1.77 -24.29
C ASP F 77 23.79 0.98 -23.58
N TRP F 78 23.38 0.10 -22.66
CA TRP F 78 24.30 -0.67 -21.83
C TRP F 78 25.28 0.25 -21.10
N CYS F 79 24.85 1.49 -20.87
CA CYS F 79 25.64 2.54 -20.24
C CYS F 79 26.13 2.19 -18.85
N ASN F 80 25.65 1.10 -18.25
CA ASN F 80 25.98 0.81 -16.86
C ASN F 80 27.18 -0.11 -16.70
N ARG F 81 27.45 -0.97 -17.69
CA ARG F 81 28.50 -1.99 -17.57
C ARG F 81 29.80 -1.44 -16.99
N ASN F 82 30.39 -0.44 -17.64
CA ASN F 82 31.71 0.04 -17.22
C ASN F 82 31.71 1.47 -16.72
N ILE F 83 30.82 1.79 -15.78
CA ILE F 83 30.76 3.11 -15.16
C ILE F 83 30.67 2.90 -13.65
N THR F 84 31.48 1.97 -13.15
CA THR F 84 31.45 1.59 -11.74
C THR F 84 31.54 2.82 -10.83
N ALA F 85 30.71 2.81 -9.79
CA ALA F 85 30.68 3.92 -8.84
C ALA F 85 31.91 3.92 -7.95
N GLN F 86 32.28 5.13 -7.50
CA GLN F 86 33.41 5.29 -6.59
C GLN F 86 33.09 6.37 -5.58
N LEU F 87 33.38 6.10 -4.31
CA LEU F 87 33.11 7.05 -3.24
C LEU F 87 33.97 8.30 -3.42
N PRO F 88 33.61 9.42 -2.77
CA PRO F 88 34.40 10.65 -2.93
C PRO F 88 35.63 10.65 -2.04
N THR F 89 36.23 11.82 -1.86
CA THR F 89 37.46 11.98 -1.07
C THR F 89 37.38 11.23 0.25
C1 NAG G . -23.73 -40.68 -0.63
C2 NAG G . -22.86 -40.83 -1.89
C3 NAG G . -22.84 -42.29 -2.36
C4 NAG G . -22.50 -43.24 -1.22
C5 NAG G . -23.42 -42.95 -0.03
C6 NAG G . -23.15 -43.81 1.20
C7 NAG G . -22.99 -38.70 -3.13
C8 NAG G . -23.63 -38.02 -4.33
N2 NAG G . -23.34 -39.99 -2.96
O3 NAG G . -21.93 -42.38 -3.41
O4 NAG G . -22.67 -44.55 -1.71
O5 NAG G . -23.28 -41.60 0.33
O6 NAG G . -21.83 -43.59 1.64
O7 NAG G . -22.20 -38.11 -2.41
C1 NAG G . -21.41 -45.27 -1.64
C2 NAG G . -21.73 -46.74 -1.34
C3 NAG G . -20.43 -47.55 -1.34
C4 NAG G . -19.66 -47.33 -2.62
C5 NAG G . -19.45 -45.82 -2.82
C6 NAG G . -18.69 -45.45 -4.08
C7 NAG G . -23.72 -47.24 0.02
C8 NAG G . -24.24 -47.32 1.42
N2 NAG G . -22.42 -46.88 -0.10
O3 NAG G . -20.76 -48.89 -1.13
O4 NAG G . -18.43 -48.03 -2.50
O5 NAG G . -20.70 -45.18 -2.86
O6 NAG G . -17.33 -45.81 -3.95
O7 NAG G . -24.43 -47.48 -0.94
C1 BMA G . -18.37 -49.04 -3.53
C2 BMA G . -17.13 -49.89 -3.25
C3 BMA G . -17.00 -50.98 -4.35
C4 BMA G . -18.31 -51.36 -5.06
C5 BMA G . -19.56 -51.07 -4.23
C6 BMA G . -19.92 -52.20 -3.26
O2 BMA G . -17.25 -50.43 -1.97
O3 BMA G . -16.34 -52.07 -3.75
O4 BMA G . -18.33 -50.66 -6.28
O5 BMA G . -19.53 -49.84 -3.53
O6 BMA G . -21.01 -51.77 -2.47
C1 NAG H . 15.97 43.80 -6.80
C2 NAG H . 14.76 44.07 -5.88
C3 NAG H . 14.84 45.48 -5.29
C4 NAG H . 16.21 45.76 -4.67
C5 NAG H . 17.30 45.42 -5.68
C6 NAG H . 18.71 45.61 -5.17
C7 NAG H . 12.86 42.74 -6.74
C8 NAG H . 11.58 42.82 -7.53
N2 NAG H . 13.53 43.90 -6.60
O3 NAG H . 13.80 45.62 -4.36
O4 NAG H . 16.23 47.12 -4.32
O5 NAG H . 17.15 44.08 -6.08
O6 NAG H . 18.92 44.78 -4.05
O7 NAG H . 13.26 41.69 -6.27
C1 NAG H . 16.42 47.25 -2.89
C2 NAG H . 17.24 48.52 -2.64
C3 NAG H . 17.41 48.74 -1.15
C4 NAG H . 16.06 48.74 -0.45
C5 NAG H . 15.33 47.44 -0.81
C6 NAG H . 13.94 47.30 -0.19
C7 NAG H . 18.87 49.19 -4.37
C8 NAG H . 20.27 48.94 -4.88
N2 NAG H . 18.52 48.44 -3.30
O3 NAG H . 18.10 49.95 -0.95
O4 NAG H . 16.30 48.85 0.93
O5 NAG H . 15.19 47.36 -2.21
O6 NAG H . 14.07 47.07 1.19
O7 NAG H . 18.13 50.00 -4.89
C1 BMA H . 15.69 50.06 1.43
C2 BMA H . 16.13 50.25 2.88
C3 BMA H . 15.47 51.53 3.46
C4 BMA H . 15.09 52.59 2.42
C5 BMA H . 15.87 52.51 1.11
C6 BMA H . 17.21 53.25 1.15
O2 BMA H . 17.54 50.30 2.92
O3 BMA H . 16.36 52.01 4.44
O4 BMA H . 13.70 52.44 2.19
O5 BMA H . 16.09 51.18 0.65
O6 BMA H . 17.89 52.98 -0.04
C1 NAG I . -31.70 -14.28 -13.74
C2 NAG I . -31.44 -14.89 -15.13
C3 NAG I . -31.73 -13.85 -16.21
C4 NAG I . -33.12 -13.28 -16.03
C5 NAG I . -33.29 -12.77 -14.58
C6 NAG I . -34.65 -12.19 -14.29
C7 NAG I . -29.76 -16.68 -15.05
C8 NAG I . -28.28 -16.98 -15.15
N2 NAG I . -30.09 -15.39 -15.20
O3 NAG I . -31.56 -14.49 -17.45
O4 NAG I . -33.30 -12.25 -16.97
O5 NAG I . -33.04 -13.84 -13.69
O6 NAG I . -35.65 -13.13 -14.58
O7 NAG I . -30.58 -17.56 -14.85
C1 NAG J . -6.90 4.90 9.12
C2 NAG J . -5.88 5.74 9.90
C3 NAG J . -6.61 6.89 10.57
C4 NAG J . -7.46 7.68 9.57
C5 NAG J . -8.30 6.73 8.72
C6 NAG J . -9.06 7.42 7.60
C7 NAG J . -3.97 5.16 11.35
C8 NAG J . -3.49 4.17 12.38
N2 NAG J . -5.21 4.93 10.88
O3 NAG J . -5.64 7.70 11.19
O4 NAG J . -8.29 8.53 10.32
O5 NAG J . -7.49 5.73 8.16
O6 NAG J . -8.15 8.06 6.75
O7 NAG J . -3.26 6.08 10.97
C1 NAG K . -7.80 9.89 10.28
C2 NAG K . -9.00 10.84 10.22
C3 NAG K . -8.51 12.29 10.25
C4 NAG K . -7.57 12.52 11.44
C5 NAG K . -6.46 11.46 11.42
C6 NAG K . -5.50 11.56 12.58
C7 NAG K . -11.04 10.09 9.07
C8 NAG K . -11.69 9.93 7.71
N2 NAG K . -9.80 10.60 9.05
O3 NAG K . -9.64 13.12 10.30
O4 NAG K . -7.07 13.83 11.32
O5 NAG K . -7.04 10.18 11.42
O6 NAG K . -6.22 11.44 13.79
O7 NAG K . -11.62 9.77 10.10
C1 BMA L . -7.51 14.60 12.47
C2 BMA L . -6.58 15.80 12.59
C3 BMA L . -6.99 16.65 13.82
C4 BMA L . -8.47 16.49 14.26
C5 BMA L . -9.41 15.98 13.17
C6 BMA L . -10.09 17.10 12.37
O2 BMA L . -6.64 16.52 11.39
O3 BMA L . -6.66 17.97 13.51
O4 BMA L . -8.44 15.60 15.36
O5 BMA L . -8.85 15.03 12.29
O6 BMA L . -9.10 17.90 11.79
C1 NAG M . 7.23 -5.07 -8.86
C2 NAG M . 7.57 -6.43 -8.27
C3 NAG M . 7.82 -7.41 -9.42
C4 NAG M . 6.66 -7.42 -10.42
C5 NAG M . 6.29 -5.99 -10.80
C6 NAG M . 5.05 -5.88 -11.67
C7 NAG M . 8.98 -7.18 -6.38
C8 NAG M . 10.26 -6.89 -5.65
N2 NAG M . 8.72 -6.36 -7.43
O3 NAG M . 8.03 -8.68 -8.85
O4 NAG M . 7.11 -8.12 -11.56
O5 NAG M . 6.07 -5.21 -9.64
O6 NAG M . 3.95 -6.46 -11.00
O7 NAG M . 8.24 -8.08 -6.04
C1 NAG N . 6.54 -9.44 -11.59
C2 NAG N . 6.23 -9.80 -13.05
C3 NAG N . 5.69 -11.22 -13.12
C4 NAG N . 6.64 -12.20 -12.43
C5 NAG N . 6.92 -11.70 -11.01
C6 NAG N . 7.90 -12.55 -10.23
C7 NAG N . 5.59 -7.99 -14.60
C8 NAG N . 4.43 -7.13 -15.04
N2 NAG N . 5.29 -8.87 -13.62
O3 NAG N . 5.51 -11.55 -14.48
O4 NAG N . 6.02 -13.47 -12.43
O5 NAG N . 7.44 -10.39 -11.07
O6 NAG N . 9.12 -12.62 -10.93
O7 NAG N . 6.69 -7.88 -15.08
C1 BMA O . 6.82 -14.38 -13.19
C2 BMA O . 6.43 -15.80 -12.78
C3 BMA O . 7.30 -16.82 -13.55
C4 BMA O . 7.87 -16.31 -14.90
C5 BMA O . 7.11 -15.13 -15.52
C6 BMA O . 6.01 -15.54 -16.50
O2 BMA O . 5.06 -15.95 -13.01
O3 BMA O . 6.50 -17.97 -13.70
O4 BMA O . 9.22 -15.96 -14.63
O5 BMA O . 6.60 -14.20 -14.58
O6 BMA O . 5.10 -16.39 -15.83
C1 NAG P . -4.77 28.82 -23.48
C2 NAG P . -5.87 29.75 -22.94
C3 NAG P . -7.21 29.35 -23.54
C4 NAG P . -7.10 29.30 -25.07
C5 NAG P . -5.93 28.41 -25.47
C6 NAG P . -5.73 28.29 -26.96
C7 NAG P . -5.32 30.64 -20.72
C8 NAG P . -5.46 30.40 -19.24
N2 NAG P . -5.88 29.70 -21.51
O3 NAG P . -8.16 30.28 -23.10
O4 NAG P . -8.33 28.83 -25.56
O5 NAG P . -4.75 28.91 -24.88
O6 NAG P . -5.57 29.57 -27.52
O7 NAG P . -4.75 31.62 -21.16
#